data_17RA
#
_entry.id   17RA
#
_cell.length_a   1.000
_cell.length_b   1.000
_cell.length_c   1.000
_cell.angle_alpha   90.00
_cell.angle_beta   90.00
_cell.angle_gamma   90.00
#
_symmetry.space_group_name_H-M   'P 1'
#
_entity_poly.entity_id   1
_entity_poly.type   'polyribonucleotide'
_entity_poly.pdbx_seq_one_letter_code
;GGCGUAAGGAUUACCUAUGCC
;
_entity_poly.pdbx_strand_id   A
#
loop_
_chem_comp.id
_chem_comp.type
_chem_comp.name
_chem_comp.formula
A RNA linking ADENOSINE-5'-MONOPHOSPHATE 'C10 H14 N5 O7 P'
C RNA linking CYTIDINE-5'-MONOPHOSPHATE 'C9 H14 N3 O8 P'
G RNA linking GUANOSINE-5'-MONOPHOSPHATE 'C10 H14 N5 O8 P'
U RNA linking URIDINE-5'-MONOPHOSPHATE 'C9 H13 N2 O9 P'
#